data_7UYS
#
_entry.id   7UYS
#
_cell.length_a   36.006
_cell.length_b   74.026
_cell.length_c   105.457
_cell.angle_alpha   90.000
_cell.angle_beta   90.000
_cell.angle_gamma   90.000
#
_symmetry.space_group_name_H-M   'P 21 21 21'
#
loop_
_entity.id
_entity.type
_entity.pdbx_description
1 polymer 'Non-receptor tyrosine-protein kinase TYK2'
2 non-polymer 2-(2,6-difluorophenyl)-4-(4-methoxyanilino)-5H-pyrrolo[3,4-d]pyrimidin-5-one
3 water water
#
_entity_poly.entity_id   1
_entity_poly.type   'polypeptide(L)'
_entity_poly.pdbx_seq_one_letter_code
;PTVFHKRYLKKIRDLGEGHFGKVSLYCYDPTNDGTGEMVAVKALKADCGPQHRSGWKQEIDILRTLYHEHIIKYKGCCED
QGEKSLQLVMEYVPLGSLRDYLPRHSIGLAQLLLFAQQICEGMAYLHAQHYIHRDLAARNVLLDNDRLVKIGDFGLAKAV
PEGHE(PTR)(PTR)RVREDGDSPVFWYAPECLKEYKFYYASDVWSFGVTLYELLTHCDSSQSPPTKFLELIGIAQGQMT
VLRLTELLERGERLPRPDKCPCEVYHLMKNCWETEASFRPTFENLIPILKTVHEKYQ
;
_entity_poly.pdbx_strand_id   A
#
loop_
_chem_comp.id
_chem_comp.type
_chem_comp.name
_chem_comp.formula
OVC non-polymer 2-(2,6-difluorophenyl)-4-(4-methoxyanilino)-5H-pyrrolo[3,4-d]pyrimidin-5-one 'C19 H12 F2 N4 O2'
#
# COMPACT_ATOMS: atom_id res chain seq x y z
N THR A 2 -13.25 -8.82 -19.44
CA THR A 2 -12.36 -9.83 -20.11
C THR A 2 -12.21 -11.11 -19.27
N VAL A 3 -12.28 -12.27 -19.93
CA VAL A 3 -12.27 -13.57 -19.26
C VAL A 3 -11.05 -14.41 -19.64
N PHE A 4 -10.20 -14.69 -18.65
CA PHE A 4 -9.07 -15.59 -18.82
C PHE A 4 -9.49 -17.03 -18.57
N HIS A 5 -9.24 -17.90 -19.54
CA HIS A 5 -9.60 -19.31 -19.45
C HIS A 5 -8.59 -20.09 -18.62
N LYS A 6 -9.09 -20.82 -17.62
CA LYS A 6 -8.27 -21.61 -16.69
C LYS A 6 -7.31 -22.59 -17.37
N ARG A 7 -7.72 -23.15 -18.51
CA ARG A 7 -6.90 -24.11 -19.26
C ARG A 7 -5.58 -23.56 -19.79
N TYR A 8 -5.54 -22.26 -20.12
CA TYR A 8 -4.34 -21.62 -20.70
C TYR A 8 -3.37 -20.98 -19.71
N LEU A 9 -3.65 -21.09 -18.41
CA LEU A 9 -2.81 -20.53 -17.37
C LEU A 9 -1.83 -21.56 -16.89
N LYS A 10 -0.55 -21.25 -17.09
CA LYS A 10 0.50 -22.09 -16.57
C LYS A 10 1.17 -21.33 -15.45
N LYS A 11 1.04 -21.86 -14.23
CA LYS A 11 1.66 -21.26 -13.06
C LYS A 11 3.17 -21.39 -13.16
N ILE A 12 3.87 -20.29 -12.92
CA ILE A 12 5.33 -20.26 -12.91
C ILE A 12 5.81 -20.29 -11.46
N ARG A 13 5.37 -19.32 -10.67
CA ARG A 13 5.73 -19.26 -9.25
C ARG A 13 4.79 -18.39 -8.43
N ASP A 14 4.93 -18.51 -7.11
CA ASP A 14 4.26 -17.64 -6.15
C ASP A 14 4.92 -16.27 -6.16
N LEU A 15 4.11 -15.23 -5.95
CA LEU A 15 4.59 -13.85 -5.86
C LEU A 15 4.54 -13.33 -4.43
N GLY A 16 3.44 -13.60 -3.72
CA GLY A 16 3.34 -13.26 -2.31
C GLY A 16 1.99 -13.49 -1.66
N GLU A 17 1.80 -12.82 -0.52
CA GLU A 17 0.58 -12.88 0.27
C GLU A 17 -0.10 -11.52 0.30
N GLY A 18 -1.28 -11.42 -0.31
CA GLY A 18 -2.18 -10.27 -0.13
C GLY A 18 -3.03 -10.45 1.13
N HIS A 19 -4.01 -9.57 1.31
CA HIS A 19 -4.82 -9.57 2.53
C HIS A 19 -5.78 -10.75 2.63
N PHE A 20 -6.61 -10.93 1.60
CA PHE A 20 -7.52 -12.09 1.50
C PHE A 20 -7.05 -13.11 0.46
N GLY A 21 -5.75 -13.33 0.33
CA GLY A 21 -5.27 -14.29 -0.65
C GLY A 21 -3.86 -14.18 -1.17
N LYS A 22 -3.44 -15.24 -1.86
CA LYS A 22 -2.10 -15.35 -2.44
C LYS A 22 -2.06 -14.76 -3.84
N VAL A 23 -0.96 -14.09 -4.16
CA VAL A 23 -0.68 -13.59 -5.50
C VAL A 23 0.34 -14.52 -6.13
N SER A 24 0.09 -14.94 -7.37
CA SER A 24 0.98 -15.85 -8.10
C SER A 24 1.21 -15.39 -9.53
N LEU A 25 2.39 -15.72 -10.05
CA LEU A 25 2.79 -15.41 -11.42
C LEU A 25 2.41 -16.56 -12.33
N TYR A 26 1.54 -16.28 -13.31
CA TYR A 26 1.20 -17.23 -14.36
C TYR A 26 1.66 -16.72 -15.73
N CYS A 27 1.91 -17.66 -16.63
CA CYS A 27 2.01 -17.37 -18.06
C CYS A 27 0.70 -17.81 -18.67
N TYR A 28 0.00 -16.90 -19.32
CA TYR A 28 -1.26 -17.19 -19.99
C TYR A 28 -0.96 -17.46 -21.45
N ASP A 29 -1.09 -18.71 -21.89
CA ASP A 29 -0.62 -19.12 -23.22
C ASP A 29 -1.66 -19.92 -24.01
N PRO A 30 -2.67 -19.22 -24.60
CA PRO A 30 -3.63 -19.88 -25.50
C PRO A 30 -3.02 -20.51 -26.74
N THR A 31 -2.04 -19.83 -27.33
CA THR A 31 -1.30 -20.36 -28.47
C THR A 31 -0.53 -21.63 -28.13
N ASN A 32 -0.09 -21.77 -26.88
CA ASN A 32 0.84 -22.83 -26.42
C ASN A 32 2.28 -22.48 -26.86
N ASP A 33 2.45 -21.24 -27.31
CA ASP A 33 3.65 -20.74 -27.95
C ASP A 33 4.63 -20.23 -26.88
N GLY A 34 4.16 -19.29 -26.07
CA GLY A 34 4.97 -18.65 -25.03
C GLY A 34 4.93 -17.14 -25.13
N THR A 35 4.56 -16.64 -26.32
CA THR A 35 4.26 -15.22 -26.57
C THR A 35 3.23 -14.64 -25.59
N GLY A 36 2.21 -15.44 -25.28
CA GLY A 36 1.14 -15.05 -24.36
C GLY A 36 1.68 -14.53 -23.03
N GLU A 37 1.10 -13.43 -22.57
CA GLU A 37 1.73 -12.59 -21.54
C GLU A 37 1.82 -13.23 -20.16
N MET A 38 2.71 -12.66 -19.36
CA MET A 38 2.89 -13.02 -17.97
C MET A 38 1.93 -12.16 -17.15
N VAL A 39 1.17 -12.81 -16.26
CA VAL A 39 0.13 -12.14 -15.47
C VAL A 39 0.23 -12.48 -13.99
N ALA A 40 -0.05 -11.48 -13.15
CA ALA A 40 -0.13 -11.65 -11.72
C ALA A 40 -1.57 -11.97 -11.37
N VAL A 41 -1.80 -13.14 -10.78
CA VAL A 41 -3.15 -13.63 -10.49
C VAL A 41 -3.32 -13.77 -8.98
N LYS A 42 -4.36 -13.11 -8.46
CA LYS A 42 -4.69 -13.13 -7.03
C LYS A 42 -5.94 -13.96 -6.81
N ALA A 43 -5.89 -14.82 -5.80
CA ALA A 43 -6.92 -15.82 -5.53
C ALA A 43 -7.32 -15.81 -4.07
N LEU A 44 -8.59 -16.10 -3.81
CA LEU A 44 -9.08 -16.30 -2.43
C LEU A 44 -8.56 -17.62 -1.87
N LYS A 45 -8.28 -17.66 -0.57
CA LYS A 45 -7.93 -18.90 0.13
C LYS A 45 -9.17 -19.75 0.35
N CYS A 48 -11.00 -20.00 3.09
CA CYS A 48 -11.38 -18.84 3.89
C CYS A 48 -12.82 -18.92 4.41
N GLY A 49 -13.12 -18.03 5.36
CA GLY A 49 -14.44 -17.98 6.02
C GLY A 49 -15.47 -17.15 5.25
N PRO A 50 -16.67 -16.94 5.84
CA PRO A 50 -17.75 -16.20 5.17
C PRO A 50 -17.45 -14.71 4.95
N GLN A 51 -16.90 -14.04 5.95
CA GLN A 51 -16.60 -12.61 5.88
C GLN A 51 -15.43 -12.25 4.96
N HIS A 52 -14.56 -13.22 4.68
CA HIS A 52 -13.48 -13.07 3.69
C HIS A 52 -14.00 -13.09 2.25
N ARG A 53 -15.00 -13.93 1.99
CA ARG A 53 -15.65 -14.02 0.67
C ARG A 53 -16.35 -12.72 0.26
N SER A 54 -17.04 -12.12 1.22
CA SER A 54 -17.68 -10.81 1.05
C SER A 54 -16.68 -9.70 0.71
N GLY A 55 -15.52 -9.72 1.38
CA GLY A 55 -14.44 -8.77 1.14
C GLY A 55 -13.70 -8.96 -0.18
N TRP A 56 -13.46 -10.21 -0.55
CA TRP A 56 -12.78 -10.56 -1.81
C TRP A 56 -13.58 -10.10 -3.04
N LYS A 57 -14.89 -10.34 -3.01
CA LYS A 57 -15.79 -9.86 -4.06
C LYS A 57 -15.78 -8.32 -4.17
N GLN A 58 -15.69 -7.64 -3.03
CA GLN A 58 -15.55 -6.17 -2.99
C GLN A 58 -14.21 -5.69 -3.55
N GLU A 59 -13.13 -6.42 -3.26
CA GLU A 59 -11.80 -6.11 -3.81
C GLU A 59 -11.78 -6.16 -5.34
N ILE A 60 -12.46 -7.16 -5.90
CA ILE A 60 -12.60 -7.28 -7.36
C ILE A 60 -13.44 -6.11 -7.89
N ASP A 61 -14.57 -5.86 -7.24
CA ASP A 61 -15.47 -4.75 -7.57
C ASP A 61 -14.75 -3.40 -7.56
N ILE A 62 -13.93 -3.17 -6.54
CA ILE A 62 -13.13 -1.94 -6.44
C ILE A 62 -12.14 -1.83 -7.60
N LEU A 63 -11.31 -2.86 -7.77
CA LEU A 63 -10.23 -2.86 -8.76
C LEU A 63 -10.70 -2.88 -10.20
N ARG A 64 -11.86 -3.47 -10.44
CA ARG A 64 -12.58 -3.40 -11.74
C ARG A 64 -12.84 -1.97 -12.21
N THR A 65 -13.18 -1.10 -11.26
CA THR A 65 -13.58 0.29 -11.55
C THR A 65 -12.43 1.30 -11.55
N LEU A 66 -11.25 0.91 -11.04
CA LEU A 66 -10.11 1.83 -10.96
C LEU A 66 -9.25 1.78 -12.22
N TYR A 67 -8.81 2.96 -12.64
CA TYR A 67 -7.99 3.11 -13.85
C TYR A 67 -7.12 4.37 -13.73
N HIS A 68 -5.82 4.15 -13.51
CA HIS A 68 -4.84 5.22 -13.32
C HIS A 68 -3.45 4.65 -13.60
N GLU A 69 -2.53 5.49 -14.07
CA GLU A 69 -1.14 5.05 -14.39
C GLU A 69 -0.28 4.62 -13.18
N HIS A 70 -0.69 5.03 -11.98
CA HIS A 70 -0.03 4.65 -10.71
C HIS A 70 -0.92 3.78 -9.81
N ILE A 71 -1.87 3.10 -10.44
CA ILE A 71 -2.63 2.00 -9.82
C ILE A 71 -2.44 0.78 -10.73
N ILE A 72 -2.23 -0.38 -10.10
CA ILE A 72 -1.97 -1.64 -10.82
C ILE A 72 -3.14 -1.95 -11.78
N LYS A 73 -2.80 -2.30 -13.02
CA LYS A 73 -3.80 -2.54 -14.07
C LYS A 73 -4.60 -3.82 -13.82
N TYR A 74 -5.93 -3.66 -13.74
CA TYR A 74 -6.85 -4.79 -13.83
C TYR A 74 -6.87 -5.27 -15.28
N LYS A 75 -6.82 -6.58 -15.45
CA LYS A 75 -6.90 -7.17 -16.79
C LYS A 75 -8.17 -7.94 -17.03
N GLY A 76 -8.48 -8.82 -16.09
CA GLY A 76 -9.71 -9.58 -16.18
C GLY A 76 -9.93 -10.44 -14.97
N CYS A 77 -10.89 -11.33 -15.11
CA CYS A 77 -11.20 -12.31 -14.09
C CYS A 77 -11.09 -13.70 -14.70
N CYS A 78 -10.76 -14.64 -13.84
CA CYS A 78 -10.68 -16.05 -14.20
C CYS A 78 -11.58 -16.80 -13.23
N GLU A 79 -12.44 -17.65 -13.78
CA GLU A 79 -13.29 -18.51 -12.95
C GLU A 79 -12.44 -19.54 -12.22
N ASP A 80 -12.69 -19.68 -10.92
CA ASP A 80 -11.98 -20.62 -10.06
C ASP A 80 -12.95 -21.75 -9.69
N GLN A 81 -12.94 -22.79 -10.52
CA GLN A 81 -13.66 -24.03 -10.21
C GLN A 81 -13.11 -24.68 -8.94
N GLY A 82 -11.80 -24.57 -8.73
CA GLY A 82 -11.12 -25.11 -7.54
C GLY A 82 -11.49 -24.51 -6.20
N GLU A 83 -11.99 -23.27 -6.19
CA GLU A 83 -12.43 -22.59 -4.97
C GLU A 83 -13.86 -22.03 -5.05
N LYS A 84 -14.61 -22.39 -6.10
CA LYS A 84 -15.95 -21.83 -6.39
C LYS A 84 -15.97 -20.30 -6.28
N SER A 85 -14.94 -19.68 -6.85
CA SER A 85 -14.63 -18.26 -6.63
C SER A 85 -14.24 -17.61 -7.95
N LEU A 86 -13.68 -16.40 -7.87
CA LEU A 86 -13.18 -15.68 -9.04
C LEU A 86 -11.76 -15.18 -8.72
N GLN A 87 -10.80 -15.61 -9.53
CA GLN A 87 -9.41 -15.17 -9.41
C GLN A 87 -9.22 -13.87 -10.18
N LEU A 88 -8.51 -12.93 -9.54
CA LEU A 88 -8.31 -11.59 -10.06
C LEU A 88 -7.01 -11.51 -10.85
N VAL A 89 -7.11 -11.25 -12.16
CA VAL A 89 -5.93 -11.19 -13.04
C VAL A 89 -5.49 -9.73 -13.21
N MET A 90 -4.22 -9.47 -12.91
CA MET A 90 -3.61 -8.13 -13.03
C MET A 90 -2.34 -8.20 -13.86
N GLU A 91 -1.80 -7.03 -14.21
CA GLU A 91 -0.51 -6.94 -14.90
C GLU A 91 0.60 -7.42 -13.98
N TYR A 92 1.63 -7.99 -14.58
CA TYR A 92 2.77 -8.51 -13.84
C TYR A 92 3.86 -7.45 -13.83
N VAL A 93 4.26 -7.06 -12.61
CA VAL A 93 5.36 -6.13 -12.40
C VAL A 93 6.55 -6.97 -11.90
N PRO A 94 7.53 -7.27 -12.78
CA PRO A 94 8.64 -8.13 -12.36
C PRO A 94 9.52 -7.61 -11.21
N LEU A 95 9.66 -6.28 -11.12
CA LEU A 95 10.51 -5.68 -10.09
C LEU A 95 9.95 -5.78 -8.67
N GLY A 96 8.64 -5.98 -8.54
CA GLY A 96 7.99 -6.23 -7.27
C GLY A 96 7.83 -4.98 -6.43
N SER A 97 7.68 -5.17 -5.12
CA SER A 97 7.43 -4.07 -4.20
C SER A 97 8.70 -3.27 -3.91
N LEU A 98 8.50 -2.05 -3.45
CA LEU A 98 9.62 -1.23 -2.94
C LEU A 98 10.27 -1.86 -1.70
N ARG A 99 9.46 -2.54 -0.88
CA ARG A 99 9.96 -3.28 0.28
C ARG A 99 11.01 -4.33 -0.09
N ASP A 100 10.78 -5.04 -1.19
CA ASP A 100 11.75 -6.01 -1.72
C ASP A 100 12.86 -5.36 -2.54
N TYR A 101 12.52 -4.34 -3.32
CA TYR A 101 13.45 -3.74 -4.27
C TYR A 101 14.54 -2.83 -3.64
N LEU A 102 14.13 -1.92 -2.76
CA LEU A 102 15.04 -0.89 -2.23
C LEU A 102 16.21 -1.39 -1.35
N PRO A 103 16.03 -2.51 -0.61
CA PRO A 103 17.18 -3.12 0.08
C PRO A 103 18.33 -3.60 -0.81
N ARG A 104 18.03 -4.01 -2.06
CA ARG A 104 19.03 -4.56 -2.99
C ARG A 104 19.48 -3.59 -4.10
N HIS A 105 19.01 -2.33 -4.06
CA HIS A 105 19.35 -1.30 -5.06
C HIS A 105 19.51 0.04 -4.39
N SER A 106 20.70 0.64 -4.53
CA SER A 106 20.98 1.96 -3.95
C SER A 106 20.31 3.05 -4.80
N ILE A 107 19.11 3.45 -4.38
CA ILE A 107 18.31 4.45 -5.10
C ILE A 107 18.59 5.85 -4.53
N GLY A 108 18.78 6.82 -5.42
CA GLY A 108 19.04 8.21 -5.05
C GLY A 108 17.81 8.89 -4.48
N LEU A 109 18.04 9.92 -3.67
CA LEU A 109 16.97 10.69 -2.99
C LEU A 109 15.93 11.26 -3.95
N ALA A 110 16.39 11.77 -5.09
CA ALA A 110 15.51 12.37 -6.10
C ALA A 110 14.49 11.36 -6.64
N GLN A 111 14.99 10.19 -7.01
CA GLN A 111 14.17 9.08 -7.48
C GLN A 111 13.15 8.62 -6.43
N LEU A 112 13.56 8.58 -5.16
CA LEU A 112 12.64 8.27 -4.05
C LEU A 112 11.51 9.28 -3.90
N LEU A 113 11.81 10.55 -4.14
CA LEU A 113 10.81 11.63 -4.08
C LEU A 113 9.84 11.57 -5.24
N LEU A 114 10.30 11.15 -6.41
CA LEU A 114 9.42 10.91 -7.55
C LEU A 114 8.41 9.82 -7.24
N PHE A 115 8.87 8.72 -6.64
CA PHE A 115 7.98 7.64 -6.22
C PHE A 115 6.91 8.14 -5.25
N ALA A 116 7.33 8.95 -4.29
CA ALA A 116 6.43 9.59 -3.35
C ALA A 116 5.39 10.45 -4.04
N GLN A 117 5.82 11.26 -5.00
CA GLN A 117 4.91 12.05 -5.81
C GLN A 117 3.95 11.14 -6.56
N GLN A 118 4.47 10.07 -7.15
CA GLN A 118 3.65 9.14 -7.92
C GLN A 118 2.60 8.44 -7.06
N ILE A 119 2.99 8.02 -5.86
CA ILE A 119 2.07 7.42 -4.88
C ILE A 119 0.93 8.38 -4.53
N CYS A 120 1.27 9.65 -4.27
CA CYS A 120 0.28 10.67 -3.96
C CYS A 120 -0.70 10.93 -5.08
N GLU A 121 -0.21 10.95 -6.31
CA GLU A 121 -1.07 11.10 -7.48
C GLU A 121 -2.08 9.97 -7.60
N GLY A 122 -1.61 8.74 -7.37
CA GLY A 122 -2.49 7.57 -7.36
C GLY A 122 -3.49 7.58 -6.23
N MET A 123 -3.06 8.05 -5.06
CA MET A 123 -3.92 8.19 -3.89
C MET A 123 -4.93 9.34 -4.01
N ALA A 124 -4.52 10.45 -4.64
CA ALA A 124 -5.44 11.54 -4.95
C ALA A 124 -6.58 11.06 -5.83
N TYR A 125 -6.25 10.26 -6.85
CA TYR A 125 -7.23 9.63 -7.71
C TYR A 125 -8.21 8.76 -6.92
N LEU A 126 -7.67 7.83 -6.13
CA LEU A 126 -8.48 6.91 -5.29
C LEU A 126 -9.49 7.64 -4.40
N HIS A 127 -9.02 8.70 -3.75
CA HIS A 127 -9.84 9.54 -2.89
C HIS A 127 -10.93 10.32 -3.63
N ALA A 128 -10.67 10.68 -4.89
CA ALA A 128 -11.69 11.30 -5.77
C ALA A 128 -12.77 10.29 -6.21
N GLN A 129 -12.40 9.03 -6.40
CA GLN A 129 -13.36 7.94 -6.63
C GLN A 129 -14.11 7.49 -5.36
N HIS A 130 -13.80 8.13 -4.22
CA HIS A 130 -14.43 7.91 -2.93
C HIS A 130 -14.12 6.52 -2.36
N TYR A 131 -12.84 6.18 -2.42
CA TYR A 131 -12.30 4.98 -1.78
C TYR A 131 -11.17 5.37 -0.85
N ILE A 132 -11.04 4.63 0.25
CA ILE A 132 -9.86 4.70 1.12
C ILE A 132 -9.07 3.40 0.92
N HIS A 133 -7.74 3.49 1.01
CA HIS A 133 -6.86 2.33 0.80
C HIS A 133 -6.75 1.45 2.05
N ARG A 134 -6.32 2.04 3.17
CA ARG A 134 -6.21 1.39 4.51
C ARG A 134 -5.04 0.43 4.76
N ASP A 135 -4.17 0.26 3.78
CA ASP A 135 -2.84 -0.31 3.99
C ASP A 135 -1.84 0.27 3.01
N LEU A 136 -1.76 1.59 2.98
CA LEU A 136 -0.73 2.26 2.22
C LEU A 136 0.58 2.02 2.95
N ALA A 137 1.44 1.22 2.32
CA ALA A 137 2.71 0.81 2.89
C ALA A 137 3.64 0.45 1.75
N ALA A 138 4.95 0.50 1.99
CA ALA A 138 5.97 0.22 0.97
C ALA A 138 5.79 -1.16 0.31
N ARG A 139 5.26 -2.11 1.07
CA ARG A 139 4.98 -3.46 0.58
C ARG A 139 3.87 -3.49 -0.48
N ASN A 140 3.00 -2.48 -0.46
CA ASN A 140 1.92 -2.34 -1.45
C ASN A 140 2.19 -1.35 -2.59
N VAL A 141 3.45 -0.89 -2.70
CA VAL A 141 3.88 -0.03 -3.81
C VAL A 141 4.80 -0.85 -4.70
N LEU A 142 4.34 -1.08 -5.92
CA LEU A 142 5.00 -1.94 -6.87
C LEU A 142 5.74 -1.11 -7.89
N LEU A 143 6.96 -1.51 -8.23
CA LEU A 143 7.81 -0.77 -9.15
C LEU A 143 7.58 -1.32 -10.56
N ASP A 144 7.02 -0.49 -11.44
CA ASP A 144 6.84 -0.87 -12.85
C ASP A 144 8.20 -0.82 -13.54
N ASN A 145 8.85 0.34 -13.44
CA ASN A 145 10.24 0.53 -13.82
C ASN A 145 10.88 1.57 -12.90
N ASP A 146 12.19 1.78 -13.08
CA ASP A 146 12.98 2.78 -12.30
C ASP A 146 12.34 4.17 -12.08
N ARG A 147 11.47 4.61 -12.99
CA ARG A 147 10.77 5.90 -12.88
C ARG A 147 9.23 5.83 -12.84
N LEU A 148 8.68 4.69 -12.42
CA LEU A 148 7.22 4.48 -12.42
C LEU A 148 6.81 3.43 -11.38
N VAL A 149 6.09 3.88 -10.35
CA VAL A 149 5.50 2.98 -9.33
C VAL A 149 3.98 2.88 -9.46
N LYS A 150 3.43 1.76 -8.97
CA LYS A 150 2.00 1.46 -9.02
C LYS A 150 1.52 0.92 -7.68
N ILE A 151 0.39 1.43 -7.21
CA ILE A 151 -0.22 0.97 -5.95
C ILE A 151 -0.94 -0.34 -6.20
N GLY A 152 -0.61 -1.35 -5.40
CA GLY A 152 -1.29 -2.65 -5.43
C GLY A 152 -2.03 -2.91 -4.14
N ASP A 153 -2.51 -4.14 -4.01
CA ASP A 153 -3.25 -4.63 -2.84
C ASP A 153 -4.34 -3.69 -2.28
N PHE A 154 -5.52 -3.77 -2.89
CA PHE A 154 -6.71 -3.07 -2.42
C PHE A 154 -7.63 -4.03 -1.65
N GLY A 155 -7.03 -4.95 -0.90
CA GLY A 155 -7.76 -5.92 -0.10
C GLY A 155 -8.51 -5.31 1.07
N LEU A 156 -7.93 -4.28 1.67
CA LEU A 156 -8.57 -3.53 2.75
C LEU A 156 -9.36 -2.31 2.27
N ALA A 157 -9.22 -1.96 0.98
CA ALA A 157 -9.85 -0.75 0.42
C ALA A 157 -11.37 -0.76 0.57
N LYS A 158 -11.93 0.42 0.86
CA LYS A 158 -13.36 0.56 1.18
C LYS A 158 -13.98 1.82 0.61
N ALA A 159 -15.26 1.71 0.27
CA ALA A 159 -16.05 2.83 -0.26
C ALA A 159 -16.48 3.76 0.87
N VAL A 160 -15.96 4.98 0.86
CA VAL A 160 -16.45 6.05 1.71
C VAL A 160 -17.79 6.50 1.13
N PRO A 161 -18.88 6.48 1.93
CA PRO A 161 -20.19 6.92 1.42
C PRO A 161 -20.23 8.40 1.00
N HIS A 164 -20.91 11.29 4.63
CA HIS A 164 -19.92 10.64 5.47
C HIS A 164 -18.50 10.89 4.97
N GLU A 165 -17.59 11.20 5.91
CA GLU A 165 -16.17 11.42 5.61
C GLU A 165 -15.23 10.29 6.06
N PTR A 166 -15.75 9.31 6.80
CA PTR A 166 -14.95 8.16 7.28
C PTR A 166 -15.66 6.84 7.12
O PTR A 166 -16.88 6.81 6.95
CB PTR A 166 -14.57 8.32 8.76
CG PTR A 166 -15.78 8.50 9.66
CD1 PTR A 166 -16.44 7.39 10.20
CD2 PTR A 166 -16.24 9.79 9.95
CE1 PTR A 166 -17.55 7.56 11.04
CE2 PTR A 166 -17.36 9.96 10.78
CZ PTR A 166 -18.01 8.85 11.33
OH PTR A 166 -19.11 9.03 12.13
P PTR A 166 -20.60 9.03 11.49
O1P PTR A 166 -20.46 9.78 10.18
O2P PTR A 166 -20.92 7.57 11.33
O3P PTR A 166 -21.43 9.75 12.51
N PTR A 167 -14.88 5.76 7.19
CA PTR A 167 -15.39 4.39 7.29
C PTR A 167 -15.05 3.88 8.65
O PTR A 167 -13.93 4.06 9.13
CB PTR A 167 -14.74 3.49 6.24
CG PTR A 167 -15.38 2.12 6.19
CD1 PTR A 167 -16.57 1.91 5.49
CD2 PTR A 167 -14.78 1.04 6.86
CE1 PTR A 167 -17.16 0.66 5.45
CE2 PTR A 167 -15.38 -0.24 6.82
CZ PTR A 167 -16.57 -0.44 6.11
OH PTR A 167 -17.08 -1.72 6.12
P PTR A 167 -18.32 -2.31 5.26
O1P PTR A 167 -17.87 -3.73 4.97
O2P PTR A 167 -19.49 -2.24 6.21
O3P PTR A 167 -18.45 -1.48 4.01
N ARG A 168 -16.01 3.21 9.30
CA ARG A 168 -15.80 2.61 10.63
C ARG A 168 -15.20 1.20 10.48
N VAL A 169 -13.95 1.05 10.92
CA VAL A 169 -13.18 -0.20 10.73
C VAL A 169 -13.58 -1.29 11.74
N ARG A 170 -13.07 -2.50 11.49
CA ARG A 170 -13.23 -3.65 12.40
C ARG A 170 -12.16 -3.61 13.51
N GLU A 171 -12.31 -4.51 14.48
CA GLU A 171 -11.35 -4.66 15.58
C GLU A 171 -10.01 -5.24 15.10
N ASP A 174 -4.34 -8.58 11.40
CA ASP A 174 -4.64 -8.08 10.05
C ASP A 174 -4.43 -6.57 9.88
N SER A 175 -4.88 -5.79 10.87
CA SER A 175 -4.75 -4.33 10.82
C SER A 175 -3.29 -3.88 10.94
N PRO A 176 -2.77 -3.16 9.92
CA PRO A 176 -1.39 -2.67 9.97
C PRO A 176 -1.26 -1.46 10.92
N VAL A 177 -1.27 -1.75 12.23
CA VAL A 177 -1.32 -0.72 13.28
C VAL A 177 -0.15 0.28 13.24
N PHE A 178 1.03 -0.19 12.83
CA PHE A 178 2.22 0.66 12.79
C PHE A 178 2.25 1.67 11.65
N TRP A 179 1.28 1.58 10.73
CA TRP A 179 1.03 2.56 9.65
C TRP A 179 -0.24 3.40 9.90
N TYR A 180 -0.86 3.24 11.08
CA TYR A 180 -2.19 3.79 11.36
C TYR A 180 -2.18 5.00 12.28
N ALA A 181 -3.03 5.97 11.92
CA ALA A 181 -3.21 7.21 12.69
C ALA A 181 -3.92 6.92 14.02
N PRO A 182 -3.72 7.79 15.03
CA PRO A 182 -4.38 7.64 16.33
C PRO A 182 -5.90 7.46 16.30
N GLU A 183 -6.57 8.15 15.37
CA GLU A 183 -8.04 8.03 15.25
C GLU A 183 -8.50 6.62 14.84
N CYS A 184 -7.69 5.94 14.01
CA CYS A 184 -7.96 4.56 13.60
C CYS A 184 -7.73 3.59 14.76
N LEU A 185 -6.61 3.78 15.45
CA LEU A 185 -6.25 2.97 16.62
C LEU A 185 -7.17 3.18 17.82
N LYS A 186 -7.53 4.43 18.09
CA LYS A 186 -8.34 4.79 19.25
C LYS A 186 -9.84 4.61 19.00
N GLU A 187 -10.34 5.25 17.95
CA GLU A 187 -11.78 5.36 17.67
C GLU A 187 -12.32 4.52 16.51
N TYR A 188 -11.45 3.75 15.86
CA TYR A 188 -11.84 2.85 14.76
C TYR A 188 -12.63 3.54 13.63
N LYS A 189 -12.18 4.75 13.29
CA LYS A 189 -12.73 5.55 12.19
C LYS A 189 -11.59 5.84 11.22
N PHE A 190 -11.75 5.41 9.98
CA PHE A 190 -10.75 5.64 8.94
C PHE A 190 -11.21 6.77 8.01
N TYR A 191 -10.48 7.89 8.05
CA TYR A 191 -10.77 9.07 7.24
C TYR A 191 -9.88 9.05 6.00
N TYR A 192 -10.16 9.92 5.03
CA TYR A 192 -9.22 10.17 3.93
C TYR A 192 -7.86 10.62 4.48
N ALA A 193 -7.90 11.47 5.51
CA ALA A 193 -6.70 11.93 6.21
C ALA A 193 -5.89 10.81 6.90
N SER A 194 -6.54 9.68 7.22
CA SER A 194 -5.83 8.51 7.75
C SER A 194 -4.91 7.83 6.73
N ASP A 195 -5.31 7.82 5.45
CA ASP A 195 -4.43 7.34 4.36
C ASP A 195 -3.18 8.22 4.19
N VAL A 196 -3.33 9.51 4.45
CA VAL A 196 -2.21 10.46 4.42
C VAL A 196 -1.21 10.20 5.55
N TRP A 197 -1.72 9.87 6.73
CA TRP A 197 -0.84 9.40 7.82
C TRP A 197 0.00 8.23 7.36
N SER A 198 -0.66 7.21 6.80
CA SER A 198 0.01 6.00 6.27
C SER A 198 1.04 6.33 5.19
N PHE A 199 0.72 7.29 4.32
CA PHE A 199 1.67 7.77 3.30
C PHE A 199 2.96 8.29 3.93
N GLY A 200 2.83 9.09 4.97
CA GLY A 200 3.97 9.55 5.76
C GLY A 200 4.88 8.43 6.23
N VAL A 201 4.27 7.34 6.71
CA VAL A 201 5.01 6.15 7.16
C VAL A 201 5.64 5.46 5.94
N THR A 202 4.89 5.38 4.85
CA THR A 202 5.42 4.86 3.58
C THR A 202 6.61 5.70 3.08
N LEU A 203 6.53 7.01 3.25
CA LEU A 203 7.62 7.91 2.87
C LEU A 203 8.82 7.70 3.79
N TYR A 204 8.57 7.52 5.08
CA TYR A 204 9.62 7.11 6.02
C TYR A 204 10.30 5.83 5.55
N GLU A 205 9.51 4.83 5.18
CA GLU A 205 10.03 3.55 4.65
C GLU A 205 10.94 3.73 3.44
N LEU A 206 10.54 4.60 2.50
CA LEU A 206 11.32 4.88 1.29
C LEU A 206 12.68 5.46 1.62
N LEU A 207 12.70 6.49 2.47
CA LEU A 207 13.95 7.16 2.85
C LEU A 207 14.91 6.31 3.70
N THR A 208 14.39 5.25 4.36
CA THR A 208 15.24 4.21 4.99
C THR A 208 15.67 3.09 4.04
N HIS A 209 15.16 3.13 2.80
CA HIS A 209 15.34 2.08 1.77
C HIS A 209 14.70 0.74 2.19
N CYS A 210 13.57 0.84 2.89
CA CYS A 210 12.91 -0.31 3.55
C CYS A 210 13.90 -1.25 4.26
N ASP A 211 14.85 -0.66 4.99
CA ASP A 211 15.78 -1.43 5.81
C ASP A 211 14.97 -2.02 6.96
N SER A 212 15.02 -3.34 7.11
CA SER A 212 14.27 -4.06 8.14
C SER A 212 14.51 -3.52 9.55
N SER A 213 15.78 -3.27 9.86
CA SER A 213 16.19 -2.73 11.17
C SER A 213 15.66 -1.34 11.51
N GLN A 214 15.33 -0.55 10.49
N GLN A 214 15.34 -0.54 10.48
CA GLN A 214 14.70 0.77 10.66
CA GLN A 214 14.71 0.77 10.64
C GLN A 214 13.20 0.79 10.38
C GLN A 214 13.21 0.78 10.36
N SER A 215 12.57 -0.39 10.31
CA SER A 215 11.14 -0.49 9.95
C SER A 215 10.22 0.02 11.06
N PRO A 216 9.02 0.53 10.69
CA PRO A 216 8.07 1.01 11.69
C PRO A 216 7.75 0.02 12.82
N PRO A 217 7.47 -1.26 12.50
CA PRO A 217 7.29 -2.22 13.59
C PRO A 217 8.50 -2.30 14.53
N THR A 218 9.69 -2.38 13.96
CA THR A 218 10.93 -2.48 14.75
C THR A 218 11.16 -1.25 15.60
N LYS A 219 11.02 -0.07 14.99
CA LYS A 219 11.25 1.19 15.70
C LYS A 219 10.18 1.48 16.75
N PHE A 220 8.92 1.20 16.43
CA PHE A 220 7.84 1.39 17.41
C PHE A 220 7.90 0.37 18.56
N LEU A 221 8.25 -0.88 18.26
CA LEU A 221 8.41 -1.90 19.32
C LEU A 221 9.66 -1.68 20.19
N GLU A 222 10.69 -1.04 19.64
CA GLU A 222 11.80 -0.50 20.44
C GLU A 222 11.30 0.55 21.46
N LEU A 223 10.42 1.44 21.02
CA LEU A 223 9.82 2.46 21.89
C LEU A 223 8.81 1.89 22.91
N ILE A 224 7.96 0.97 22.46
CA ILE A 224 6.90 0.40 23.30
C ILE A 224 7.46 -0.68 24.25
N GLY A 225 8.37 -1.51 23.74
CA GLY A 225 8.82 -2.71 24.43
C GLY A 225 7.89 -3.88 24.14
N ILE A 226 8.34 -5.09 24.46
CA ILE A 226 7.54 -6.31 24.27
C ILE A 226 7.29 -7.07 25.58
N ALA A 227 7.61 -6.43 26.70
CA ALA A 227 7.37 -6.98 28.03
C ALA A 227 5.88 -7.08 28.34
N GLN A 228 5.09 -6.23 27.70
CA GLN A 228 3.63 -6.24 27.81
C GLN A 228 2.99 -6.14 26.43
N GLY A 229 2.88 -7.30 25.78
CA GLY A 229 2.36 -7.42 24.42
C GLY A 229 0.86 -7.20 24.24
N GLN A 230 0.07 -7.55 25.26
CA GLN A 230 -1.38 -7.29 25.29
C GLN A 230 -1.77 -5.81 25.07
N MET A 231 -0.90 -4.89 25.48
CA MET A 231 -1.16 -3.45 25.37
C MET A 231 -0.27 -2.72 24.36
N THR A 232 0.07 -3.40 23.26
CA THR A 232 0.89 -2.81 22.22
C THR A 232 0.19 -1.61 21.55
N VAL A 233 -1.07 -1.78 21.19
CA VAL A 233 -1.84 -0.74 20.49
C VAL A 233 -2.12 0.47 21.38
N LEU A 234 -2.48 0.22 22.64
CA LEU A 234 -2.75 1.29 23.61
C LEU A 234 -1.49 2.13 23.88
N ARG A 235 -0.37 1.44 24.05
CA ARG A 235 0.94 2.09 24.22
C ARG A 235 1.39 2.85 22.97
N LEU A 236 1.06 2.31 21.80
CA LEU A 236 1.31 3.00 20.53
C LEU A 236 0.48 4.28 20.44
N THR A 237 -0.82 4.15 20.71
CA THR A 237 -1.75 5.29 20.80
C THR A 237 -1.26 6.41 21.72
N GLU A 238 -0.89 6.04 22.95
CA GLU A 238 -0.42 7.00 23.95
C GLU A 238 0.87 7.72 23.53
N LEU A 239 1.81 6.95 22.96
CA LEU A 239 3.07 7.46 22.42
C LEU A 239 2.86 8.52 21.33
N LEU A 240 1.94 8.24 20.42
CA LEU A 240 1.61 9.16 19.31
C LEU A 240 0.85 10.40 19.77
N GLU A 241 -0.14 10.23 20.65
CA GLU A 241 -0.86 11.37 21.25
C GLU A 241 0.01 12.28 22.14
N ARG A 242 1.10 11.70 22.65
CA ARG A 242 2.16 12.43 23.36
C ARG A 242 3.09 13.22 22.41
N GLY A 243 3.01 12.95 21.11
CA GLY A 243 3.76 13.67 20.09
C GLY A 243 5.04 12.98 19.63
N GLU A 244 5.29 11.78 20.14
CA GLU A 244 6.45 10.99 19.72
C GLU A 244 6.22 10.43 18.32
N ARG A 245 7.30 10.37 17.55
CA ARG A 245 7.24 10.02 16.14
C ARG A 245 8.46 9.21 15.74
N LEU A 246 8.32 8.50 14.61
CA LEU A 246 9.44 7.77 14.00
C LEU A 246 10.56 8.74 13.67
N PRO A 247 11.83 8.33 13.89
CA PRO A 247 12.91 9.30 13.77
C PRO A 247 13.17 9.76 12.34
N ARG A 248 14.06 10.73 12.21
CA ARG A 248 14.46 11.25 10.91
C ARG A 248 15.39 10.23 10.26
N PRO A 249 15.05 9.70 9.06
CA PRO A 249 15.96 8.76 8.39
C PRO A 249 17.29 9.41 8.02
N ASP A 250 18.36 8.62 8.06
CA ASP A 250 19.70 9.12 7.72
C ASP A 250 19.71 9.63 6.28
N LYS A 251 20.32 10.79 6.09
CA LYS A 251 20.36 11.50 4.80
C LYS A 251 18.96 11.90 4.26
N CYS A 252 18.00 12.13 5.16
CA CYS A 252 16.70 12.69 4.82
C CYS A 252 16.81 14.19 5.02
N PRO A 253 16.51 14.99 3.98
CA PRO A 253 16.50 16.45 4.17
C PRO A 253 15.51 16.89 5.23
N CYS A 254 15.88 17.93 5.99
CA CYS A 254 15.06 18.44 7.08
C CYS A 254 13.63 18.79 6.64
N GLU A 255 13.53 19.46 5.50
CA GLU A 255 12.23 19.85 4.91
C GLU A 255 11.34 18.65 4.56
N VAL A 256 11.95 17.57 4.07
CA VAL A 256 11.22 16.34 3.77
C VAL A 256 10.70 15.68 5.04
N TYR A 257 11.50 15.74 6.11
CA TYR A 257 11.09 15.21 7.41
C TYR A 257 9.94 16.03 8.02
N HIS A 258 9.94 17.35 7.78
CA HIS A 258 8.83 18.23 8.19
C HIS A 258 7.53 17.88 7.48
N LEU A 259 7.62 17.62 6.18
CA LEU A 259 6.49 17.15 5.39
C LEU A 259 5.96 15.84 5.97
N MET A 260 6.89 14.92 6.25
CA MET A 260 6.60 13.66 6.93
C MET A 260 5.84 13.89 8.25
N LYS A 261 6.35 14.81 9.06
CA LYS A 261 5.71 15.22 10.34
C LYS A 261 4.34 15.85 10.17
N ASN A 262 4.15 16.61 9.10
CA ASN A 262 2.84 17.20 8.77
C ASN A 262 1.79 16.14 8.40
N CYS A 263 2.24 15.07 7.74
CA CYS A 263 1.40 13.90 7.47
C CYS A 263 1.04 13.16 8.76
N TRP A 264 1.92 13.22 9.74
CA TRP A 264 1.69 12.63 11.07
C TRP A 264 1.14 13.62 12.11
N GLU A 265 0.29 14.56 11.69
CA GLU A 265 -0.34 15.47 12.65
C GLU A 265 -1.41 14.68 13.38
N THR A 266 -1.47 14.82 14.71
CA THR A 266 -2.43 14.11 15.56
C THR A 266 -3.87 14.43 15.14
N GLU A 267 -4.18 15.72 15.07
CA GLU A 267 -5.45 16.19 14.51
C GLU A 267 -5.47 15.97 13.00
N ALA A 268 -6.45 15.19 12.53
CA ALA A 268 -6.52 14.77 11.13
C ALA A 268 -6.73 15.91 10.13
N SER A 269 -7.50 16.92 10.54
CA SER A 269 -7.74 18.12 9.71
C SER A 269 -6.49 18.97 9.44
N PHE A 270 -5.50 18.89 10.33
CA PHE A 270 -4.22 19.59 10.16
C PHE A 270 -3.27 18.93 9.15
N ARG A 271 -3.58 17.70 8.72
CA ARG A 271 -2.80 17.02 7.67
C ARG A 271 -3.16 17.54 6.29
N PRO A 272 -2.21 17.49 5.33
CA PRO A 272 -2.53 17.86 3.96
C PRO A 272 -3.29 16.73 3.26
N THR A 273 -4.15 17.09 2.31
CA THR A 273 -4.73 16.09 1.41
C THR A 273 -3.65 15.63 0.44
N PHE A 274 -3.92 14.53 -0.27
CA PHE A 274 -3.02 14.06 -1.33
C PHE A 274 -2.95 15.05 -2.50
N GLU A 275 -3.99 15.84 -2.71
CA GLU A 275 -3.95 16.93 -3.69
C GLU A 275 -3.00 18.05 -3.28
N ASN A 276 -3.01 18.39 -1.99
CA ASN A 276 -2.02 19.34 -1.43
C ASN A 276 -0.57 18.88 -1.58
N LEU A 277 -0.35 17.57 -1.49
CA LEU A 277 1.01 17.01 -1.49
C LEU A 277 1.68 16.97 -2.86
N ILE A 278 0.88 16.75 -3.90
CA ILE A 278 1.38 16.54 -5.25
C ILE A 278 2.31 17.66 -5.73
N PRO A 279 1.80 18.90 -5.75
CA PRO A 279 2.63 20.04 -6.14
C PRO A 279 3.86 20.21 -5.26
N ILE A 280 3.69 19.94 -3.96
CA ILE A 280 4.81 20.07 -3.03
C ILE A 280 5.92 19.09 -3.36
N LEU A 281 5.57 17.84 -3.63
CA LEU A 281 6.57 16.81 -3.95
C LEU A 281 7.21 17.03 -5.31
N LYS A 282 6.44 17.51 -6.28
CA LYS A 282 6.97 17.91 -7.58
C LYS A 282 8.12 18.87 -7.41
N THR A 283 7.89 19.90 -6.61
CA THR A 283 8.87 20.94 -6.38
C THR A 283 10.08 20.40 -5.65
N VAL A 284 9.84 19.59 -4.63
CA VAL A 284 10.94 19.01 -3.84
C VAL A 284 11.75 18.03 -4.68
N HIS A 285 11.09 17.33 -5.59
CA HIS A 285 11.76 16.43 -6.52
C HIS A 285 12.68 17.17 -7.46
N GLU A 286 12.15 18.18 -8.14
CA GLU A 286 12.94 18.98 -9.08
C GLU A 286 14.15 19.60 -8.37
N LYS A 287 13.97 19.95 -7.10
CA LYS A 287 15.08 20.49 -6.29
C LYS A 287 16.27 19.53 -6.22
N TYR A 288 16.01 18.29 -5.80
CA TYR A 288 17.07 17.28 -5.61
C TYR A 288 17.51 16.52 -6.86
N GLN A 289 16.77 16.65 -7.95
CA GLN A 289 17.10 15.98 -9.22
C GLN A 289 18.36 16.56 -9.87
C1 OVC B . 10.43 -9.32 -5.78
C3 OVC B . 8.30 -10.14 -6.41
C4 OVC B . 8.12 -9.64 -7.68
C5 OVC B . 6.85 -9.32 -8.14
C6 OVC B . 5.72 -9.47 -7.33
C7 OVC B . 5.91 -10.00 -6.04
C8 OVC B . 7.19 -10.32 -5.58
C12 OVC B . 1.97 -8.20 -5.46
N13 OVC B . 0.98 -7.75 -6.22
C15 OVC B . 0.19 -7.28 -8.64
C17 OVC B . 2.11 -8.05 -9.57
C19 OVC B . 2.28 -8.19 -8.12
C21 OVC B . 2.01 -9.36 -3.24
C23 OVC B . 1.83 -9.35 -1.86
C24 OVC B . 1.44 -8.19 -1.22
O2 OVC B . 9.55 -10.44 -5.98
N9 OVC B . 4.49 -9.12 -7.92
C10 OVC B . 3.33 -8.67 -7.29
N11 OVC B . 3.12 -8.65 -5.98
C14 OVC B . 1.09 -7.73 -7.53
N16 OVC B . 0.92 -7.52 -9.89
O18 OVC B . 2.97 -8.36 -10.38
C20 OVC B . 1.79 -8.20 -3.99
F22 OVC B . 2.39 -10.50 -3.85
C25 OVC B . 1.21 -7.03 -1.96
C26 OVC B . 1.39 -7.01 -3.33
F27 OVC B . 1.16 -5.86 -4.01
#